data_6TX1
#
_entry.id   6TX1
#
_cell.length_a   89.165
_cell.length_b   89.165
_cell.length_c   223.002
_cell.angle_alpha   90.000
_cell.angle_beta   90.000
_cell.angle_gamma   120.000
#
_symmetry.space_group_name_H-M   'H 3'
#
loop_
_entity.id
_entity.type
_entity.pdbx_description
1 polymer 'Predicted protein'
2 water water
#
_entity_poly.entity_id   1
_entity_poly.type   'polypeptide(L)'
_entity_poly.pdbx_seq_one_letter_code
;MGMAEVSSKRRKRTKTDIGCQSSAIKKIKEMFDAVMPEDFYDFWAFCEELNPKNPEDALMDTMGLQLVGPYDVLTGKLDG
LSESSYHLHWRYYYDPPEFMTVIRGNEDQGFHIGYYRDEPQALPVFVASNKAKVSCEMSVIGENLFSALNTCITENLKKI
KDKSQQSSLKKMQTSLITKAKELQYSLATTTPAIKARNKKVNSKTLHKAGIVVPVNAMDVGYRPLTVTDAELKKMLKTIT
ESENKSAKDKASDELQELLTFVQFANDEGDYGMGLELGLDLFCFGSKQFHNTILQLLPLAYQLLGREKYAKIIQEHLENR
DREKLSEASKHHHHHH
;
_entity_poly.pdbx_strand_id   A,B
#
# COMPACT_ATOMS: atom_id res chain seq x y z
N SER A 23 -32.95 1.86 18.37
CA SER A 23 -33.96 2.53 17.55
C SER A 23 -33.62 2.44 16.06
N ALA A 24 -32.33 2.57 15.74
CA ALA A 24 -31.83 2.39 14.39
C ALA A 24 -31.35 0.96 14.13
N ILE A 25 -31.75 0.00 14.97
CA ILE A 25 -31.62 -1.41 14.63
C ILE A 25 -32.24 -1.69 13.27
N LYS A 26 -33.44 -1.16 13.04
CA LYS A 26 -34.15 -1.41 11.78
C LYS A 26 -33.44 -0.74 10.61
N LYS A 27 -32.90 0.46 10.82
CA LYS A 27 -32.07 1.13 9.82
C LYS A 27 -30.93 0.21 9.36
N ILE A 28 -30.08 -0.19 10.32
CA ILE A 28 -28.92 -1.01 10.03
C ILE A 28 -29.31 -2.36 9.43
N LYS A 29 -30.48 -2.89 9.81
CA LYS A 29 -30.90 -4.17 9.24
C LYS A 29 -31.18 -4.06 7.74
N GLU A 30 -31.63 -2.90 7.26
CA GLU A 30 -31.91 -2.78 5.84
C GLU A 30 -30.76 -2.18 5.04
N MET A 31 -30.01 -1.22 5.59
CA MET A 31 -28.89 -0.65 4.86
C MET A 31 -27.74 -1.64 4.76
N PHE A 32 -27.27 -2.13 5.91
CA PHE A 32 -26.44 -3.33 6.00
C PHE A 32 -27.37 -4.53 6.16
N ASP A 33 -26.85 -5.72 5.85
CA ASP A 33 -27.67 -6.92 6.00
C ASP A 33 -27.40 -7.62 7.33
N ALA A 34 -27.21 -6.84 8.39
CA ALA A 34 -26.61 -7.36 9.60
C ALA A 34 -27.36 -6.91 10.84
N VAL A 35 -27.24 -7.72 11.89
CA VAL A 35 -27.66 -7.35 13.23
C VAL A 35 -26.41 -7.15 14.06
N MET A 36 -26.36 -6.08 14.74
CA MET A 36 -25.18 -5.78 15.51
C MET A 36 -25.37 -6.26 16.94
N PRO A 37 -24.32 -6.70 17.62
CA PRO A 37 -24.46 -7.07 19.03
C PRO A 37 -24.64 -5.83 19.90
N GLU A 38 -25.07 -6.07 21.13
CA GLU A 38 -25.40 -4.96 22.03
C GLU A 38 -24.19 -4.09 22.34
N ASP A 39 -22.97 -4.64 22.35
CA ASP A 39 -21.84 -3.77 22.63
C ASP A 39 -21.72 -2.67 21.58
N PHE A 40 -22.17 -2.94 20.35
CA PHE A 40 -22.19 -1.92 19.30
C PHE A 40 -22.97 -0.68 19.75
N TYR A 41 -24.19 -0.88 20.24
CA TYR A 41 -25.01 0.26 20.66
C TYR A 41 -24.50 0.86 21.97
N ASP A 42 -24.17 0.02 22.94
CA ASP A 42 -23.62 0.50 24.20
C ASP A 42 -22.32 1.29 24.00
N PHE A 43 -21.50 0.92 23.02
CA PHE A 43 -20.27 1.66 22.78
C PHE A 43 -20.58 3.05 22.25
N TRP A 44 -21.47 3.13 21.25
CA TRP A 44 -21.98 4.40 20.77
C TRP A 44 -22.39 5.32 21.93
N ALA A 45 -23.29 4.83 22.79
CA ALA A 45 -23.78 5.62 23.91
C ALA A 45 -22.64 6.04 24.83
N PHE A 46 -21.67 5.15 25.05
CA PHE A 46 -20.46 5.54 25.78
C PHE A 46 -19.75 6.72 25.11
N CYS A 47 -19.78 6.79 23.78
CA CYS A 47 -19.11 7.88 23.08
C CYS A 47 -19.97 9.14 22.95
N GLU A 48 -21.30 9.03 23.06
CA GLU A 48 -22.14 10.22 23.26
C GLU A 48 -21.77 10.92 24.55
N GLU A 49 -21.76 10.18 25.66
CA GLU A 49 -21.33 10.71 26.95
C GLU A 49 -20.03 11.49 26.81
N LEU A 50 -19.06 10.90 26.12
CA LEU A 50 -17.79 11.56 25.87
C LEU A 50 -17.96 12.80 24.99
N ASN A 51 -18.67 12.65 23.87
CA ASN A 51 -18.79 13.72 22.88
C ASN A 51 -20.21 13.72 22.34
N PRO A 52 -21.11 14.46 22.98
CA PRO A 52 -22.51 14.46 22.51
C PRO A 52 -22.66 14.99 21.09
N LYS A 53 -21.85 15.98 20.72
CA LYS A 53 -21.94 16.59 19.40
C LYS A 53 -21.63 15.56 18.32
N ASN A 54 -20.46 14.94 18.41
CA ASN A 54 -19.95 14.03 17.40
C ASN A 54 -19.51 12.78 18.14
N PRO A 55 -20.44 11.86 18.44
CA PRO A 55 -20.04 10.65 19.16
C PRO A 55 -19.01 9.81 18.41
N GLU A 56 -19.07 9.81 17.07
CA GLU A 56 -18.08 9.11 16.25
C GLU A 56 -16.66 9.66 16.41
N ASP A 57 -16.50 10.89 16.92
CA ASP A 57 -15.19 11.51 17.03
C ASP A 57 -14.68 11.60 18.45
N ALA A 58 -15.36 10.94 19.39
CA ALA A 58 -15.00 11.03 20.80
C ALA A 58 -13.62 10.48 21.08
N LEU A 59 -13.17 9.52 20.29
CA LEU A 59 -11.87 8.91 20.50
C LEU A 59 -10.76 9.59 19.72
N MET A 60 -11.07 10.66 18.99
CA MET A 60 -10.09 11.19 18.03
C MET A 60 -9.01 12.02 18.69
N ASP A 61 -9.40 12.96 19.56
CA ASP A 61 -8.42 13.85 20.17
C ASP A 61 -7.37 13.10 20.98
N THR A 62 -7.67 11.87 21.38
CA THR A 62 -6.83 11.16 22.32
C THR A 62 -6.12 9.97 21.70
N MET A 63 -6.72 9.32 20.70
CA MET A 63 -6.09 8.16 20.08
C MET A 63 -6.20 8.13 18.57
N GLY A 64 -6.73 9.18 17.94
CA GLY A 64 -6.84 9.19 16.49
C GLY A 64 -7.70 8.08 15.93
N LEU A 65 -8.83 7.80 16.59
CA LEU A 65 -9.77 6.74 16.15
C LEU A 65 -11.16 7.35 15.88
N GLN A 66 -11.78 6.99 14.76
CA GLN A 66 -13.13 7.50 14.40
C GLN A 66 -14.06 6.33 14.07
N LEU A 67 -15.28 6.33 14.62
CA LEU A 67 -16.28 5.26 14.34
C LEU A 67 -16.68 5.38 12.86
N VAL A 68 -16.85 4.23 12.18
CA VAL A 68 -17.18 4.19 10.72
C VAL A 68 -18.03 2.95 10.42
N GLY A 69 -18.41 2.77 9.15
CA GLY A 69 -19.24 1.61 8.75
C GLY A 69 -20.65 1.68 9.32
N PRO A 70 -21.09 0.71 10.14
CA PRO A 70 -22.45 0.70 10.70
C PRO A 70 -22.76 1.95 11.55
N TYR A 71 -21.75 2.48 12.25
CA TYR A 71 -21.86 3.71 13.08
C TYR A 71 -22.18 4.95 12.22
N ASP A 72 -21.76 4.96 10.95
CA ASP A 72 -22.00 6.09 10.00
C ASP A 72 -23.51 6.32 9.82
N VAL A 73 -24.32 5.26 9.80
CA VAL A 73 -25.80 5.40 9.64
C VAL A 73 -26.33 6.24 10.81
N LEU A 74 -25.85 5.97 12.03
CA LEU A 74 -26.26 6.73 13.24
C LEU A 74 -25.80 8.19 13.11
N THR A 75 -24.60 8.41 12.57
CA THR A 75 -24.01 9.78 12.44
C THR A 75 -24.70 10.58 11.32
N GLY A 76 -25.42 9.91 10.41
CA GLY A 76 -26.07 10.60 9.33
C GLY A 76 -25.33 10.58 8.02
N LYS A 77 -24.01 10.34 8.05
CA LYS A 77 -23.20 10.38 6.84
C LYS A 77 -23.71 9.43 5.76
N LEU A 78 -24.39 8.35 6.15
CA LEU A 78 -25.05 7.45 5.21
C LEU A 78 -26.56 7.67 5.25
N ASP A 79 -27.17 7.72 4.07
CA ASP A 79 -28.61 7.90 3.97
C ASP A 79 -29.18 7.05 2.82
N SER A 85 -25.48 -1.20 -1.34
CA SER A 85 -25.20 -2.42 -0.59
C SER A 85 -24.54 -2.09 0.76
N TYR A 86 -23.58 -1.16 0.73
CA TYR A 86 -22.78 -0.73 1.87
C TYR A 86 -21.84 -1.82 2.39
N HIS A 87 -21.78 -2.96 1.69
CA HIS A 87 -20.81 -3.98 2.02
C HIS A 87 -19.39 -3.47 1.94
N LEU A 88 -19.13 -2.44 1.15
CA LEU A 88 -17.77 -1.96 0.94
C LEU A 88 -17.45 -0.70 1.72
N HIS A 89 -18.36 -0.24 2.59
CA HIS A 89 -18.16 0.99 3.34
C HIS A 89 -17.09 0.78 4.40
N TRP A 90 -15.89 1.33 4.12
CA TRP A 90 -14.69 1.20 4.95
C TRP A 90 -14.18 -0.23 5.04
N ARG A 91 -14.43 -1.02 4.00
CA ARG A 91 -13.81 -2.34 3.88
C ARG A 91 -12.41 -2.14 3.34
N TYR A 92 -11.38 -2.42 4.15
CA TYR A 92 -10.05 -2.22 3.59
C TYR A 92 -9.62 -3.43 2.77
N TYR A 93 -8.38 -3.36 2.30
CA TYR A 93 -7.90 -4.22 1.24
C TYR A 93 -7.90 -5.68 1.63
N TYR A 94 -7.60 -5.98 2.90
CA TYR A 94 -7.52 -7.36 3.38
C TYR A 94 -8.66 -7.75 4.30
N ASP A 95 -9.77 -7.04 4.27
CA ASP A 95 -10.93 -7.41 5.07
C ASP A 95 -11.68 -8.54 4.38
N PRO A 96 -11.63 -9.77 4.90
CA PRO A 96 -12.45 -10.85 4.32
C PRO A 96 -13.92 -10.57 4.55
N PRO A 97 -14.82 -11.30 3.87
CA PRO A 97 -16.25 -11.03 4.07
C PRO A 97 -16.74 -11.13 5.51
N GLU A 98 -16.08 -11.92 6.36
CA GLU A 98 -16.46 -12.07 7.77
C GLU A 98 -16.13 -10.85 8.61
N PHE A 99 -15.30 -9.93 8.10
CA PHE A 99 -14.81 -8.75 8.82
C PHE A 99 -15.61 -7.53 8.37
N MET A 100 -16.16 -6.79 9.34
CA MET A 100 -16.90 -5.55 9.08
C MET A 100 -16.32 -4.44 9.95
N THR A 101 -15.68 -3.46 9.32
CA THR A 101 -14.99 -2.39 10.03
C THR A 101 -15.99 -1.52 10.80
N VAL A 102 -15.61 -1.07 12.01
CA VAL A 102 -16.44 -0.13 12.75
C VAL A 102 -15.63 1.03 13.33
N ILE A 103 -14.29 0.95 13.29
CA ILE A 103 -13.41 2.01 13.78
C ILE A 103 -12.17 2.12 12.90
N ARG A 104 -11.82 3.34 12.49
CA ARG A 104 -10.62 3.62 11.70
C ARG A 104 -9.59 4.36 12.54
N GLY A 105 -8.32 4.06 12.29
CA GLY A 105 -7.24 4.70 13.00
C GLY A 105 -6.12 5.09 12.05
N ASN A 106 -4.88 4.84 12.47
CA ASN A 106 -3.69 5.27 11.73
C ASN A 106 -3.80 4.99 10.25
N GLU A 107 -3.78 6.06 9.44
CA GLU A 107 -4.03 5.92 8.02
C GLU A 107 -2.80 5.38 7.28
N ASP A 108 -1.60 5.60 7.82
CA ASP A 108 -0.38 5.09 7.22
C ASP A 108 -0.26 3.58 7.41
N GLN A 109 -0.73 3.06 8.54
CA GLN A 109 -0.82 1.63 8.77
C GLN A 109 -2.04 1.01 8.12
N GLY A 110 -3.08 1.78 7.84
CA GLY A 110 -4.36 1.17 7.56
C GLY A 110 -4.96 0.54 8.82
N PHE A 111 -4.66 1.10 9.98
CA PHE A 111 -5.16 0.52 11.21
C PHE A 111 -6.67 0.72 11.28
N HIS A 112 -7.38 -0.37 11.53
CA HIS A 112 -8.83 -0.30 11.71
C HIS A 112 -9.25 -1.50 12.56
N ILE A 113 -10.49 -1.44 13.04
CA ILE A 113 -11.07 -2.39 13.99
C ILE A 113 -12.45 -2.77 13.49
N GLY A 114 -12.73 -4.07 13.44
CA GLY A 114 -14.02 -4.56 12.97
C GLY A 114 -14.53 -5.76 13.75
N TYR A 115 -15.80 -6.09 13.51
CA TYR A 115 -16.38 -7.34 14.01
C TYR A 115 -16.13 -8.48 13.04
N TYR A 116 -15.61 -9.59 13.56
CA TYR A 116 -15.40 -10.80 12.79
C TYR A 116 -16.57 -11.74 13.07
N ARG A 117 -17.14 -12.30 12.01
CA ARG A 117 -18.41 -13.00 12.06
C ARG A 117 -18.29 -14.21 11.12
N ASP A 118 -18.10 -15.41 11.70
CA ASP A 118 -18.01 -16.63 10.88
C ASP A 118 -19.25 -16.82 10.02
N GLU A 119 -20.42 -16.48 10.55
CA GLU A 119 -21.69 -16.78 9.93
C GLU A 119 -22.51 -15.52 9.74
N PRO A 120 -22.95 -15.22 8.52
CA PRO A 120 -23.68 -13.96 8.27
C PRO A 120 -24.85 -13.78 9.19
N GLN A 121 -25.55 -14.88 9.51
CA GLN A 121 -26.72 -14.84 10.36
C GLN A 121 -26.40 -14.80 11.86
N ALA A 122 -25.17 -15.13 12.24
CA ALA A 122 -24.79 -15.15 13.65
C ALA A 122 -24.28 -13.77 14.06
N LEU A 123 -24.17 -13.56 15.38
CA LEU A 123 -23.47 -12.38 15.89
C LEU A 123 -21.95 -12.54 15.75
N PRO A 124 -21.20 -11.46 15.84
CA PRO A 124 -19.74 -11.58 15.74
C PRO A 124 -19.19 -12.49 16.82
N VAL A 125 -18.05 -13.11 16.53
CA VAL A 125 -17.43 -13.98 17.52
C VAL A 125 -16.30 -13.27 18.26
N PHE A 126 -15.73 -12.22 17.68
CA PHE A 126 -14.80 -11.33 18.39
C PHE A 126 -14.62 -10.04 17.60
N VAL A 127 -13.94 -9.13 18.22
CA VAL A 127 -13.46 -7.90 17.60
C VAL A 127 -11.99 -8.09 17.23
N ALA A 128 -11.62 -7.62 16.03
CA ALA A 128 -10.24 -7.77 15.59
C ALA A 128 -9.74 -6.48 14.96
N SER A 129 -8.43 -6.28 15.06
CA SER A 129 -7.79 -5.18 14.34
C SER A 129 -6.96 -5.72 13.17
N ASN A 130 -6.71 -4.82 12.22
CA ASN A 130 -5.85 -5.06 11.07
C ASN A 130 -5.13 -3.76 10.75
N LYS A 131 -3.86 -3.88 10.40
CA LYS A 131 -3.09 -2.79 9.79
C LYS A 131 -3.01 -3.13 8.29
N ALA A 132 -4.00 -2.64 7.52
CA ALA A 132 -4.13 -3.07 6.13
C ALA A 132 -2.92 -2.73 5.25
N LYS A 133 -2.18 -1.67 5.57
CA LYS A 133 -1.01 -1.33 4.78
C LYS A 133 0.22 -2.10 5.22
N VAL A 134 0.12 -2.87 6.30
CA VAL A 134 1.23 -3.66 6.79
C VAL A 134 1.11 -5.11 6.38
N SER A 135 -0.05 -5.72 6.61
CA SER A 135 -0.20 -7.17 6.63
C SER A 135 -1.67 -7.56 6.54
N CYS A 136 -1.91 -8.79 6.08
CA CYS A 136 -3.27 -9.34 6.08
C CYS A 136 -3.70 -9.82 7.46
N GLU A 137 -2.83 -9.82 8.45
CA GLU A 137 -3.08 -10.54 9.69
C GLU A 137 -4.03 -9.79 10.63
N MET A 138 -4.88 -10.57 11.29
CA MET A 138 -5.91 -10.07 12.18
C MET A 138 -5.46 -10.26 13.62
N SER A 139 -5.59 -9.23 14.45
CA SER A 139 -5.29 -9.33 15.88
C SER A 139 -6.59 -9.29 16.68
N VAL A 140 -6.89 -10.35 17.42
CA VAL A 140 -8.08 -10.40 18.27
C VAL A 140 -7.85 -9.57 19.53
N ILE A 141 -8.73 -8.61 19.77
CA ILE A 141 -8.63 -7.72 20.92
C ILE A 141 -9.91 -7.77 21.76
N GLY A 142 -10.57 -8.92 21.79
CA GLY A 142 -11.67 -9.16 22.70
C GLY A 142 -12.97 -9.46 21.97
N GLU A 143 -14.02 -9.69 22.76
CA GLU A 143 -15.33 -10.03 22.24
C GLU A 143 -16.16 -8.81 21.88
N ASN A 144 -15.74 -7.61 22.26
CA ASN A 144 -16.64 -6.47 22.23
C ASN A 144 -15.80 -5.19 22.13
N LEU A 145 -16.44 -4.10 21.71
CA LEU A 145 -15.66 -2.89 21.45
C LEU A 145 -15.13 -2.25 22.71
N PHE A 146 -15.67 -2.59 23.90
CA PHE A 146 -15.07 -2.01 25.09
C PHE A 146 -13.69 -2.62 25.34
N SER A 147 -13.58 -3.95 25.27
CA SER A 147 -12.26 -4.56 25.37
C SER A 147 -11.36 -4.13 24.23
N ALA A 148 -11.93 -4.01 23.02
CA ALA A 148 -11.16 -3.51 21.89
C ALA A 148 -10.55 -2.15 22.20
N LEU A 149 -11.37 -1.19 22.64
CA LEU A 149 -10.84 0.13 22.94
C LEU A 149 -9.85 0.07 24.08
N ASN A 150 -10.13 -0.79 25.07
CA ASN A 150 -9.26 -0.93 26.23
C ASN A 150 -7.84 -1.27 25.81
N THR A 151 -7.68 -2.10 24.79
CA THR A 151 -6.33 -2.43 24.30
C THR A 151 -5.65 -1.20 23.69
N CYS A 152 -6.39 -0.46 22.86
CA CYS A 152 -5.83 0.75 22.24
C CYS A 152 -5.42 1.77 23.29
N ILE A 153 -6.18 1.88 24.38
CA ILE A 153 -5.84 2.86 25.40
C ILE A 153 -4.55 2.46 26.09
N THR A 154 -4.38 1.16 26.35
CA THR A 154 -3.15 0.69 26.97
C THR A 154 -1.92 1.05 26.13
N GLU A 155 -2.03 0.94 24.80
CA GLU A 155 -0.87 1.15 23.95
C GLU A 155 -0.55 2.63 23.82
N ASN A 156 -1.56 3.47 23.57
CA ASN A 156 -1.33 4.91 23.53
C ASN A 156 -0.69 5.41 24.82
N LEU A 157 -1.13 4.89 25.97
CA LEU A 157 -0.53 5.24 27.25
C LEU A 157 0.88 4.68 27.37
N LYS A 158 1.10 3.46 26.88
CA LYS A 158 2.41 2.83 26.95
C LYS A 158 3.47 3.67 26.25
N LYS A 159 3.34 3.86 24.94
CA LYS A 159 4.29 4.71 24.23
C LYS A 159 3.83 6.17 24.26
N GLN A 165 -2.68 15.44 27.16
CA GLN A 165 -2.78 14.23 26.35
C GLN A 165 -3.03 13.01 27.24
N GLN A 166 -1.95 12.44 27.80
CA GLN A 166 -2.08 11.22 28.59
C GLN A 166 -2.92 11.43 29.84
N SER A 167 -2.84 12.61 30.45
CA SER A 167 -3.66 12.89 31.63
C SER A 167 -5.14 12.81 31.28
N SER A 168 -5.52 13.30 30.11
CA SER A 168 -6.90 13.18 29.66
C SER A 168 -7.24 11.73 29.28
N LEU A 169 -6.27 10.98 28.76
CA LEU A 169 -6.55 9.61 28.33
C LEU A 169 -6.81 8.70 29.53
N LYS A 170 -6.06 8.88 30.62
CA LYS A 170 -6.25 8.04 31.81
C LYS A 170 -7.67 8.16 32.34
N LYS A 171 -8.28 9.33 32.25
CA LYS A 171 -9.63 9.48 32.76
C LYS A 171 -10.67 8.87 31.83
N MET A 172 -10.35 8.70 30.55
CA MET A 172 -11.21 7.88 29.69
C MET A 172 -11.07 6.40 30.03
N GLN A 173 -9.83 5.95 30.24
CA GLN A 173 -9.57 4.59 30.68
C GLN A 173 -10.44 4.25 31.88
N THR A 174 -10.52 5.17 32.83
CA THR A 174 -11.29 4.95 34.04
C THR A 174 -12.77 4.82 33.74
N SER A 175 -13.31 5.69 32.88
CA SER A 175 -14.75 5.61 32.61
C SER A 175 -15.08 4.36 31.81
N LEU A 176 -14.22 4.02 30.85
CA LEU A 176 -14.41 2.77 30.10
C LEU A 176 -14.51 1.59 31.06
N ILE A 177 -13.55 1.48 31.98
CA ILE A 177 -13.45 0.32 32.86
C ILE A 177 -14.69 0.19 33.74
N THR A 178 -15.15 1.33 34.29
CA THR A 178 -16.36 1.28 35.13
C THR A 178 -17.60 1.01 34.28
N LYS A 179 -17.71 1.67 33.12
CA LYS A 179 -18.86 1.42 32.25
C LYS A 179 -18.90 -0.03 31.78
N ALA A 180 -17.75 -0.59 31.40
CA ALA A 180 -17.72 -2.00 31.04
C ALA A 180 -18.08 -2.88 32.23
N LYS A 181 -17.66 -2.47 33.43
CA LYS A 181 -18.04 -3.21 34.63
C LYS A 181 -19.56 -3.23 34.76
N GLU A 182 -20.18 -2.05 34.70
CA GLU A 182 -21.63 -1.93 34.80
C GLU A 182 -22.32 -2.90 33.86
N LEU A 183 -22.05 -2.75 32.56
CA LEU A 183 -22.71 -3.53 31.53
C LEU A 183 -22.16 -4.95 31.46
N GLN A 184 -21.17 -5.28 32.29
CA GLN A 184 -20.53 -6.59 32.31
C GLN A 184 -20.08 -7.02 30.90
N TYR A 185 -19.37 -6.11 30.22
CA TYR A 185 -18.58 -6.47 29.06
C TYR A 185 -17.19 -6.84 29.55
N SER A 186 -16.77 -8.07 29.28
CA SER A 186 -15.41 -8.44 29.57
C SER A 186 -14.45 -7.53 28.83
N LEU A 187 -13.38 -7.13 29.51
CA LEU A 187 -12.27 -6.41 28.90
C LEU A 187 -11.12 -7.34 28.54
N ALA A 188 -11.33 -8.65 28.59
CA ALA A 188 -10.26 -9.61 28.29
C ALA A 188 -9.99 -9.67 26.78
N THR A 189 -8.71 -9.81 26.43
CA THR A 189 -8.30 -9.87 25.04
C THR A 189 -8.70 -11.17 24.38
N THR A 190 -8.61 -12.27 25.14
CA THR A 190 -9.12 -13.58 24.75
C THR A 190 -9.99 -14.06 25.91
N THR A 191 -11.25 -14.34 25.63
CA THR A 191 -12.21 -14.82 26.63
C THR A 191 -12.34 -16.33 26.54
N PRO A 192 -12.96 -16.97 27.54
CA PRO A 192 -13.27 -18.41 27.41
C PRO A 192 -14.07 -18.73 26.17
N ALA A 193 -15.01 -17.87 25.77
CA ALA A 193 -15.74 -18.17 24.54
C ALA A 193 -14.85 -18.03 23.31
N ILE A 194 -13.93 -17.08 23.30
CA ILE A 194 -13.00 -17.01 22.18
C ILE A 194 -12.11 -18.25 22.14
N LYS A 195 -11.59 -18.68 23.30
CA LYS A 195 -10.81 -19.91 23.34
C LYS A 195 -11.65 -21.11 22.93
N ALA A 196 -12.93 -21.14 23.33
CA ALA A 196 -13.81 -22.23 22.93
C ALA A 196 -13.98 -22.28 21.42
N ARG A 197 -14.15 -21.13 20.79
CA ARG A 197 -14.26 -21.11 19.33
C ARG A 197 -12.97 -21.54 18.67
N ASN A 198 -11.82 -21.21 19.27
CA ASN A 198 -10.57 -21.59 18.64
C ASN A 198 -10.38 -23.10 18.56
N LYS A 199 -11.09 -23.87 19.39
CA LYS A 199 -11.00 -25.33 19.30
C LYS A 199 -11.85 -25.89 18.17
N LYS A 200 -12.75 -25.07 17.63
CA LYS A 200 -13.57 -25.43 16.47
C LYS A 200 -13.01 -24.88 15.15
N VAL A 201 -11.94 -24.10 15.18
CA VAL A 201 -11.33 -23.57 13.95
C VAL A 201 -10.75 -24.71 13.12
N ASN A 202 -11.17 -24.77 11.86
CA ASN A 202 -10.66 -25.81 10.94
C ASN A 202 -9.23 -25.42 10.53
N SER A 203 -9.04 -24.14 10.17
CA SER A 203 -7.71 -23.61 9.80
C SER A 203 -7.57 -22.16 10.25
N LYS A 204 -6.39 -21.77 10.74
CA LYS A 204 -6.15 -20.37 11.18
C LYS A 204 -6.24 -19.42 9.98
N THR A 205 -5.67 -19.87 8.85
CA THR A 205 -5.55 -19.17 7.52
C THR A 205 -4.37 -18.18 7.57
N LEU A 206 -4.16 -17.44 6.47
CA LEU A 206 -3.04 -16.47 6.43
C LEU A 206 -3.36 -15.30 7.36
N HIS A 207 -4.64 -14.93 7.47
CA HIS A 207 -5.07 -13.82 8.38
C HIS A 207 -4.97 -14.19 9.86
N LYS A 208 -4.93 -15.50 10.18
CA LYS A 208 -4.77 -16.10 11.54
C LYS A 208 -6.03 -15.93 12.40
N ALA A 209 -7.14 -15.50 11.82
CA ALA A 209 -8.37 -15.35 12.59
C ALA A 209 -9.26 -16.58 12.53
N GLY A 210 -9.01 -17.50 11.59
CA GLY A 210 -9.62 -18.82 11.56
C GLY A 210 -10.90 -18.87 10.77
N ILE A 211 -11.15 -20.03 10.16
CA ILE A 211 -12.45 -20.36 9.63
C ILE A 211 -13.12 -21.40 10.52
N VAL A 212 -14.44 -21.40 10.55
CA VAL A 212 -15.21 -22.42 11.27
C VAL A 212 -16.29 -22.92 10.32
N VAL A 213 -16.20 -24.18 9.90
CA VAL A 213 -17.22 -24.80 9.05
C VAL A 213 -17.66 -26.10 9.71
N PRO A 214 -18.86 -26.57 9.40
CA PRO A 214 -19.35 -27.80 10.04
C PRO A 214 -18.50 -29.00 9.65
N VAL A 215 -18.49 -29.98 10.54
CA VAL A 215 -17.88 -31.29 10.33
C VAL A 215 -18.86 -32.32 10.91
N ASN A 216 -19.37 -33.23 10.09
CA ASN A 216 -20.35 -34.17 10.60
C ASN A 216 -19.65 -35.39 11.19
N ALA A 217 -20.46 -36.36 11.63
CA ALA A 217 -19.94 -37.50 12.39
C ALA A 217 -19.00 -38.36 11.57
N MET A 218 -19.10 -38.31 10.25
CA MET A 218 -18.14 -38.99 9.39
C MET A 218 -16.99 -38.07 8.97
N ASP A 219 -16.81 -36.94 9.64
CA ASP A 219 -15.67 -36.04 9.43
C ASP A 219 -15.72 -35.35 8.07
N VAL A 220 -16.89 -35.24 7.49
CA VAL A 220 -17.07 -34.56 6.23
C VAL A 220 -17.38 -33.10 6.49
N GLY A 221 -16.76 -32.22 5.70
CA GLY A 221 -16.96 -30.79 5.84
C GLY A 221 -15.69 -29.99 5.68
N TYR A 222 -14.54 -30.60 5.99
CA TYR A 222 -13.25 -29.92 5.89
C TYR A 222 -12.15 -30.94 5.63
N ARG A 223 -11.15 -30.51 4.85
CA ARG A 223 -9.88 -31.22 4.75
C ARG A 223 -8.80 -30.18 4.53
N PRO A 224 -7.57 -30.43 4.98
CA PRO A 224 -6.50 -29.42 4.94
C PRO A 224 -5.96 -29.19 3.54
N LEU A 225 -5.29 -28.06 3.38
CA LEU A 225 -4.41 -27.90 2.23
C LEU A 225 -3.28 -28.92 2.31
N THR A 226 -2.89 -29.44 1.15
CA THR A 226 -1.75 -30.33 1.01
C THR A 226 -0.39 -29.64 1.14
N VAL A 227 -0.35 -28.32 1.32
CA VAL A 227 0.88 -27.60 1.64
C VAL A 227 0.66 -26.86 2.94
N THR A 228 1.75 -26.64 3.67
CA THR A 228 1.69 -25.76 4.82
C THR A 228 1.47 -24.31 4.36
N ASP A 229 1.15 -23.45 5.32
CA ASP A 229 1.00 -22.04 5.00
C ASP A 229 2.30 -21.45 4.48
N ALA A 230 3.44 -21.87 5.05
CA ALA A 230 4.72 -21.33 4.59
C ALA A 230 5.04 -21.80 3.18
N GLU A 231 4.81 -23.09 2.88
CA GLU A 231 4.95 -23.58 1.52
C GLU A 231 3.99 -22.86 0.58
N LEU A 232 2.78 -22.54 1.06
CA LEU A 232 1.80 -21.88 0.20
C LEU A 232 2.29 -20.49 -0.22
N LYS A 233 2.81 -19.72 0.72
CA LYS A 233 3.31 -18.38 0.39
C LYS A 233 4.50 -18.46 -0.55
N LYS A 234 5.48 -19.31 -0.23
CA LYS A 234 6.61 -19.52 -1.15
C LYS A 234 6.14 -19.84 -2.55
N MET A 235 5.12 -20.69 -2.66
CA MET A 235 4.52 -21.01 -3.96
C MET A 235 3.98 -19.75 -4.63
N LEU A 236 3.18 -18.97 -3.90
CA LEU A 236 2.47 -17.85 -4.53
C LEU A 236 3.41 -16.69 -4.84
N LYS A 237 4.44 -16.48 -4.01
CA LYS A 237 5.46 -15.48 -4.28
C LYS A 237 6.22 -15.82 -5.55
N THR A 238 6.56 -17.10 -5.73
CA THR A 238 7.15 -17.57 -6.97
C THR A 238 6.25 -17.29 -8.17
N ILE A 239 4.95 -17.57 -8.05
CA ILE A 239 4.07 -17.32 -9.19
C ILE A 239 4.10 -15.83 -9.57
N THR A 240 4.19 -14.95 -8.58
CA THR A 240 3.97 -13.53 -8.85
C THR A 240 5.26 -12.74 -8.97
N GLU A 241 6.31 -13.12 -8.24
CA GLU A 241 7.59 -12.45 -8.31
C GLU A 241 8.63 -13.47 -8.78
N SER A 242 8.65 -13.77 -10.07
CA SER A 242 9.72 -14.63 -10.54
C SER A 242 9.90 -14.52 -12.04
N GLU A 243 11.16 -14.59 -12.40
CA GLU A 243 11.70 -14.48 -13.74
C GLU A 243 12.15 -15.82 -14.31
N ASN A 244 12.40 -16.79 -13.43
CA ASN A 244 12.93 -18.13 -13.81
C ASN A 244 12.07 -18.78 -14.89
N LYS A 245 10.77 -18.47 -14.93
CA LYS A 245 9.74 -18.99 -15.89
C LYS A 245 9.37 -20.45 -15.61
N SER A 246 10.33 -21.38 -15.67
CA SER A 246 10.07 -22.82 -15.39
C SER A 246 9.60 -22.93 -13.93
N ALA A 247 10.25 -22.21 -13.02
CA ALA A 247 9.87 -22.21 -11.59
C ALA A 247 8.44 -21.66 -11.47
N LYS A 248 8.14 -20.58 -12.21
CA LYS A 248 6.78 -19.99 -12.20
C LYS A 248 5.79 -21.02 -12.75
N ASP A 249 6.18 -21.70 -13.84
CA ASP A 249 5.32 -22.74 -14.46
C ASP A 249 5.13 -23.88 -13.45
N LYS A 250 6.20 -24.25 -12.76
CA LYS A 250 6.14 -25.34 -11.74
C LYS A 250 5.18 -24.92 -10.62
N ALA A 251 5.42 -23.75 -10.03
CA ALA A 251 4.56 -23.25 -8.96
C ALA A 251 3.14 -23.04 -9.45
N SER A 252 2.97 -22.54 -10.67
CA SER A 252 1.62 -22.44 -11.23
C SER A 252 0.99 -23.81 -11.38
N ASP A 253 1.80 -24.85 -11.53
CA ASP A 253 1.26 -26.20 -11.63
C ASP A 253 0.92 -26.77 -10.27
N GLU A 254 1.74 -26.49 -9.26
CA GLU A 254 1.38 -26.82 -7.89
C GLU A 254 0.05 -26.19 -7.51
N LEU A 255 -0.08 -24.89 -7.76
CA LEU A 255 -1.33 -24.20 -7.46
C LEU A 255 -2.50 -24.81 -8.22
N GLN A 256 -2.30 -25.18 -9.50
CA GLN A 256 -3.37 -25.85 -10.23
C GLN A 256 -3.68 -27.22 -9.64
N GLU A 257 -2.66 -27.89 -9.12
CA GLU A 257 -2.88 -29.15 -8.42
C GLU A 257 -3.70 -28.93 -7.16
N LEU A 258 -3.42 -27.85 -6.42
CA LEU A 258 -4.28 -27.51 -5.30
C LEU A 258 -5.72 -27.30 -5.75
N LEU A 259 -5.93 -26.59 -6.85
CA LEU A 259 -7.32 -26.34 -7.28
C LEU A 259 -8.03 -27.63 -7.63
N THR A 260 -7.30 -28.62 -8.14
CA THR A 260 -7.89 -29.93 -8.42
C THR A 260 -8.27 -30.64 -7.14
N PHE A 261 -7.40 -30.58 -6.14
CA PHE A 261 -7.73 -31.12 -4.82
C PHE A 261 -8.97 -30.46 -4.23
N VAL A 262 -9.03 -29.13 -4.30
CA VAL A 262 -10.26 -28.44 -3.88
C VAL A 262 -11.44 -28.98 -4.65
N GLN A 263 -11.25 -29.29 -5.92
CA GLN A 263 -12.36 -29.78 -6.73
C GLN A 263 -12.89 -31.10 -6.18
N PHE A 264 -11.99 -32.03 -5.86
CA PHE A 264 -12.43 -33.28 -5.26
C PHE A 264 -13.07 -33.01 -3.91
N ALA A 265 -12.49 -32.10 -3.12
CA ALA A 265 -13.08 -31.78 -1.81
C ALA A 265 -14.54 -31.35 -1.95
N ASN A 266 -14.82 -30.40 -2.83
CA ASN A 266 -16.19 -29.93 -2.99
C ASN A 266 -17.10 -31.06 -3.43
N ASP A 267 -16.62 -31.90 -4.35
CA ASP A 267 -17.41 -33.03 -4.81
C ASP A 267 -17.70 -34.00 -3.68
N GLU A 268 -16.85 -34.03 -2.67
CA GLU A 268 -16.95 -34.98 -1.58
C GLU A 268 -17.48 -34.34 -0.30
N GLY A 269 -17.91 -33.09 -0.37
CA GLY A 269 -18.56 -32.43 0.76
C GLY A 269 -17.65 -31.65 1.69
N ASP A 270 -16.34 -31.63 1.46
CA ASP A 270 -15.41 -30.96 2.38
C ASP A 270 -15.18 -29.50 1.96
N TYR A 271 -16.26 -28.72 2.02
CA TYR A 271 -16.27 -27.37 1.45
C TYR A 271 -15.31 -26.42 2.15
N GLY A 272 -14.89 -26.74 3.37
CA GLY A 272 -13.95 -25.88 4.05
C GLY A 272 -12.62 -25.71 3.34
N MET A 273 -12.23 -26.68 2.49
CA MET A 273 -10.93 -26.57 1.83
C MET A 273 -10.91 -25.38 0.88
N GLY A 274 -11.92 -25.28 0.00
CA GLY A 274 -11.96 -24.17 -0.93
C GLY A 274 -12.03 -22.83 -0.22
N LEU A 275 -12.76 -22.78 0.89
CA LEU A 275 -12.82 -21.59 1.72
C LEU A 275 -11.43 -21.21 2.22
N GLU A 276 -10.68 -22.18 2.72
CA GLU A 276 -9.35 -21.90 3.20
C GLU A 276 -8.45 -21.39 2.07
N LEU A 277 -8.45 -22.09 0.94
CA LEU A 277 -7.55 -21.73 -0.14
C LEU A 277 -7.93 -20.37 -0.73
N GLY A 278 -9.23 -20.15 -0.97
CA GLY A 278 -9.68 -18.86 -1.43
C GLY A 278 -9.27 -17.72 -0.51
N LEU A 279 -9.58 -17.85 0.79
CA LEU A 279 -9.18 -16.83 1.75
C LEU A 279 -7.67 -16.66 1.77
N ASP A 280 -6.93 -17.74 1.56
CA ASP A 280 -5.48 -17.63 1.59
C ASP A 280 -4.97 -16.84 0.39
N LEU A 281 -5.55 -17.05 -0.78
CA LEU A 281 -5.16 -16.31 -1.97
C LEU A 281 -5.54 -14.84 -1.82
N PHE A 282 -6.70 -14.59 -1.21
CA PHE A 282 -7.12 -13.23 -0.88
C PHE A 282 -6.11 -12.56 0.04
N CYS A 283 -5.66 -13.29 1.05
CA CYS A 283 -4.72 -12.74 2.03
C CYS A 283 -3.34 -12.50 1.40
N PHE A 284 -2.93 -13.33 0.45
CA PHE A 284 -1.65 -13.07 -0.17
C PHE A 284 -1.65 -11.70 -0.83
N GLY A 285 -2.77 -11.33 -1.47
CA GLY A 285 -3.06 -9.96 -1.85
C GLY A 285 -2.78 -9.64 -3.30
N SER A 286 -2.04 -10.49 -4.00
CA SER A 286 -1.78 -10.33 -5.42
C SER A 286 -3.08 -10.29 -6.21
N LYS A 287 -3.33 -9.15 -6.88
CA LYS A 287 -4.53 -8.98 -7.69
C LYS A 287 -4.60 -9.99 -8.83
N GLN A 288 -3.47 -10.63 -9.16
CA GLN A 288 -3.43 -11.69 -10.15
C GLN A 288 -4.36 -12.85 -9.80
N PHE A 289 -4.63 -13.06 -8.52
CA PHE A 289 -5.42 -14.21 -8.12
C PHE A 289 -6.90 -13.95 -8.00
N HIS A 290 -7.34 -12.72 -8.28
CA HIS A 290 -8.75 -12.42 -8.06
C HIS A 290 -9.66 -13.39 -8.81
N ASN A 291 -9.23 -13.85 -9.99
CA ASN A 291 -10.06 -14.75 -10.77
C ASN A 291 -10.16 -16.12 -10.12
N THR A 292 -9.04 -16.64 -9.61
CA THR A 292 -9.07 -17.91 -8.90
C THR A 292 -9.92 -17.79 -7.63
N ILE A 293 -9.74 -16.70 -6.87
CA ILE A 293 -10.56 -16.45 -5.69
C ILE A 293 -12.03 -16.50 -6.03
N LEU A 294 -12.41 -15.91 -7.17
CA LEU A 294 -13.79 -15.90 -7.60
C LEU A 294 -14.28 -17.26 -8.05
N GLN A 295 -13.38 -18.21 -8.30
CA GLN A 295 -13.79 -19.59 -8.49
C GLN A 295 -14.00 -20.29 -7.17
N LEU A 296 -13.32 -19.85 -6.12
CA LEU A 296 -13.29 -20.56 -4.85
C LEU A 296 -14.33 -20.01 -3.86
N LEU A 297 -14.24 -18.73 -3.52
CA LEU A 297 -14.99 -18.21 -2.38
C LEU A 297 -16.49 -18.05 -2.63
N PRO A 298 -16.92 -17.53 -3.79
CA PRO A 298 -18.37 -17.50 -4.02
C PRO A 298 -18.99 -18.89 -3.97
N LEU A 299 -18.35 -19.89 -4.58
CA LEU A 299 -18.84 -21.26 -4.50
C LEU A 299 -18.82 -21.75 -3.06
N ALA A 300 -17.71 -21.53 -2.35
CA ALA A 300 -17.59 -22.02 -0.98
C ALA A 300 -18.71 -21.45 -0.10
N TYR A 301 -18.95 -20.14 -0.18
CA TYR A 301 -19.93 -19.52 0.71
C TYR A 301 -21.34 -20.01 0.41
N GLN A 302 -21.67 -20.23 -0.87
CA GLN A 302 -23.00 -20.75 -1.22
C GLN A 302 -23.16 -22.19 -0.74
N LEU A 303 -22.12 -23.02 -0.90
CA LEU A 303 -22.17 -24.41 -0.43
C LEU A 303 -22.30 -24.50 1.09
N LEU A 304 -21.83 -23.48 1.80
CA LEU A 304 -21.87 -23.44 3.26
C LEU A 304 -23.12 -22.77 3.81
N GLY A 305 -24.03 -22.30 2.95
CA GLY A 305 -25.15 -21.51 3.42
C GLY A 305 -24.74 -20.15 3.97
N ARG A 306 -23.75 -19.52 3.34
CA ARG A 306 -23.22 -18.21 3.74
C ARG A 306 -23.28 -17.26 2.54
N GLU A 307 -24.45 -17.22 1.92
CA GLU A 307 -24.59 -16.61 0.61
C GLU A 307 -24.20 -15.14 0.62
N LYS A 308 -24.56 -14.43 1.69
CA LYS A 308 -24.23 -13.01 1.78
C LYS A 308 -22.73 -12.76 1.63
N TYR A 309 -21.89 -13.70 2.08
CA TYR A 309 -20.44 -13.56 1.94
C TYR A 309 -19.97 -13.82 0.50
N ALA A 310 -20.71 -14.60 -0.26
CA ALA A 310 -20.46 -14.69 -1.68
C ALA A 310 -20.71 -13.34 -2.36
N LYS A 311 -21.71 -12.59 -1.88
CA LYS A 311 -21.96 -11.24 -2.40
C LYS A 311 -20.79 -10.31 -2.10
N ILE A 312 -20.31 -10.31 -0.85
CA ILE A 312 -19.31 -9.34 -0.43
C ILE A 312 -17.98 -9.56 -1.14
N ILE A 313 -17.54 -10.82 -1.28
CA ILE A 313 -16.26 -11.10 -1.93
C ILE A 313 -16.28 -10.68 -3.41
N GLN A 314 -17.43 -10.84 -4.07
CA GLN A 314 -17.53 -10.40 -5.46
C GLN A 314 -17.49 -8.88 -5.54
N GLU A 315 -18.36 -8.20 -4.78
CA GLU A 315 -18.35 -6.74 -4.76
C GLU A 315 -16.98 -6.19 -4.36
N HIS A 316 -16.30 -6.84 -3.41
CA HIS A 316 -15.03 -6.30 -2.94
C HIS A 316 -13.94 -6.39 -4.01
N LEU A 317 -13.82 -7.54 -4.66
CA LEU A 317 -12.78 -7.68 -5.68
C LEU A 317 -13.11 -6.92 -6.96
N GLU A 318 -14.40 -6.58 -7.20
CA GLU A 318 -14.76 -5.74 -8.34
C GLU A 318 -13.90 -4.49 -8.37
N ASN A 319 -13.79 -3.80 -7.25
CA ASN A 319 -12.82 -2.71 -7.15
C ASN A 319 -12.28 -2.72 -5.73
N ARG A 320 -11.03 -3.17 -5.60
CA ARG A 320 -10.44 -3.49 -4.31
C ARG A 320 -9.52 -2.40 -3.79
N ASP A 321 -8.87 -1.65 -4.66
CA ASP A 321 -8.09 -0.47 -4.26
C ASP A 321 -8.80 0.79 -4.72
N ARG A 322 -9.06 1.70 -3.79
CA ARG A 322 -9.92 2.86 -4.07
C ARG A 322 -9.80 3.82 -2.88
N GLU A 323 -10.73 4.80 -2.84
CA GLU A 323 -11.08 5.50 -1.60
C GLU A 323 -12.11 4.69 -0.81
N LYS A 324 -11.77 4.33 0.44
CA LYS A 324 -12.62 3.44 1.24
C LYS A 324 -13.90 4.09 1.73
N LEU A 325 -13.98 5.42 1.68
CA LEU A 325 -14.82 6.23 2.57
C LEU A 325 -16.33 6.03 2.36
N SER A 326 -16.77 5.26 1.36
CA SER A 326 -18.20 5.00 1.21
C SER A 326 -18.49 3.84 0.28
N SER B 23 33.35 20.58 0.56
CA SER B 23 34.12 19.36 0.29
C SER B 23 33.32 18.10 0.65
N ALA B 24 32.16 18.27 1.29
CA ALA B 24 31.15 17.23 1.20
C ALA B 24 30.66 17.11 -0.24
N ILE B 25 30.58 18.26 -0.93
CA ILE B 25 30.36 18.32 -2.37
C ILE B 25 31.32 17.41 -3.13
N LYS B 26 32.59 17.38 -2.71
CA LYS B 26 33.57 16.54 -3.40
C LYS B 26 33.27 15.07 -3.20
N LYS B 27 32.92 14.68 -1.97
CA LYS B 27 32.66 13.27 -1.68
C LYS B 27 31.38 12.80 -2.36
N ILE B 28 30.40 13.70 -2.53
CA ILE B 28 29.17 13.33 -3.22
C ILE B 28 29.41 13.17 -4.72
N LYS B 29 30.21 14.05 -5.31
CA LYS B 29 30.59 13.87 -6.71
C LYS B 29 31.37 12.58 -6.91
N GLU B 30 32.10 12.13 -5.90
CA GLU B 30 32.91 10.92 -6.04
C GLU B 30 32.08 9.66 -5.81
N MET B 31 31.25 9.64 -4.76
CA MET B 31 30.49 8.43 -4.49
C MET B 31 29.25 8.34 -5.36
N PHE B 32 28.57 9.47 -5.59
CA PHE B 32 27.31 9.43 -6.30
C PHE B 32 27.36 10.09 -7.67
N ASP B 33 28.51 10.64 -8.07
CA ASP B 33 28.71 11.03 -9.47
C ASP B 33 27.70 12.10 -9.90
N ALA B 34 27.39 13.03 -8.97
CA ALA B 34 26.34 14.00 -9.20
C ALA B 34 26.61 15.27 -8.39
N VAL B 35 26.06 16.38 -8.87
CA VAL B 35 26.07 17.66 -8.14
C VAL B 35 24.68 17.88 -7.58
N MET B 36 24.60 18.25 -6.28
CA MET B 36 23.35 18.46 -5.56
C MET B 36 22.96 19.93 -5.59
N PRO B 37 21.66 20.23 -5.63
CA PRO B 37 21.23 21.63 -5.63
C PRO B 37 21.37 22.26 -4.25
N GLU B 38 21.33 23.59 -4.21
CA GLU B 38 21.57 24.27 -2.94
C GLU B 38 20.58 23.84 -1.87
N ASP B 39 19.30 23.62 -2.22
CA ASP B 39 18.34 23.25 -1.19
C ASP B 39 18.74 21.94 -0.48
N PHE B 40 19.49 21.08 -1.16
CA PHE B 40 20.00 19.88 -0.51
C PHE B 40 20.85 20.21 0.71
N TYR B 41 21.87 21.05 0.53
CA TYR B 41 22.71 21.46 1.65
C TYR B 41 21.92 22.30 2.65
N ASP B 42 21.05 23.20 2.16
CA ASP B 42 20.32 24.05 3.07
C ASP B 42 19.30 23.27 3.88
N PHE B 43 18.74 22.20 3.31
CA PHE B 43 17.79 21.40 4.07
C PHE B 43 18.52 20.63 5.18
N TRP B 44 19.77 20.26 4.95
CA TRP B 44 20.58 19.64 6.00
C TRP B 44 20.74 20.59 7.18
N ALA B 45 21.19 21.81 6.92
CA ALA B 45 21.34 22.82 7.97
C ALA B 45 20.04 23.01 8.74
N PHE B 46 18.91 23.05 8.03
CA PHE B 46 17.63 23.05 8.70
C PHE B 46 17.51 21.89 9.68
N CYS B 47 17.95 20.70 9.26
CA CYS B 47 17.80 19.53 10.10
C CYS B 47 18.80 19.52 11.25
N GLU B 48 19.99 20.12 11.09
CA GLU B 48 20.87 20.32 12.23
C GLU B 48 20.26 21.24 13.27
N GLU B 49 19.53 22.27 12.84
CA GLU B 49 18.90 23.16 13.80
C GLU B 49 17.86 22.41 14.61
N LEU B 50 17.15 21.46 13.99
CA LEU B 50 16.10 20.70 14.67
C LEU B 50 16.71 19.69 15.63
N ASN B 51 17.63 18.88 15.14
CA ASN B 51 18.17 17.74 15.86
C ASN B 51 19.66 17.71 15.58
N PRO B 52 20.43 18.61 16.21
CA PRO B 52 21.86 18.74 15.85
C PRO B 52 22.67 17.49 16.12
N LYS B 53 22.24 16.63 17.05
CA LYS B 53 22.96 15.38 17.27
C LYS B 53 22.87 14.49 16.03
N ASN B 54 21.64 14.24 15.56
CA ASN B 54 21.37 13.38 14.41
C ASN B 54 20.53 14.16 13.40
N PRO B 55 21.17 15.04 12.63
CA PRO B 55 20.42 15.82 11.61
C PRO B 55 19.55 14.96 10.71
N GLU B 56 20.05 13.78 10.31
CA GLU B 56 19.29 12.89 9.44
C GLU B 56 18.02 12.36 10.08
N ASP B 57 17.86 12.52 11.40
CA ASP B 57 16.70 12.00 12.12
C ASP B 57 15.80 13.11 12.62
N ALA B 58 15.97 14.33 12.13
CA ALA B 58 15.18 15.45 12.62
C ALA B 58 13.70 15.29 12.31
N LEU B 59 13.37 14.55 11.26
CA LEU B 59 11.99 14.43 10.83
C LEU B 59 11.32 13.15 11.33
N MET B 60 12.07 12.30 12.03
CA MET B 60 11.56 10.97 12.40
C MET B 60 10.41 11.06 13.37
N ASP B 61 10.52 11.89 14.40
CA ASP B 61 9.47 11.97 15.41
C ASP B 61 8.14 12.42 14.80
N THR B 62 8.15 13.51 14.04
CA THR B 62 6.89 14.06 13.55
C THR B 62 6.42 13.45 12.24
N MET B 63 7.30 12.76 11.49
CA MET B 63 6.89 12.27 10.18
C MET B 63 7.37 10.88 9.82
N GLY B 64 8.19 10.23 10.64
CA GLY B 64 8.71 8.93 10.27
C GLY B 64 9.63 8.96 9.08
N LEU B 65 10.35 10.07 8.89
CA LEU B 65 11.26 10.26 7.73
C LEU B 65 12.71 10.45 8.19
N GLN B 66 13.65 9.81 7.49
CA GLN B 66 15.09 9.92 7.80
C GLN B 66 15.86 10.31 6.52
N LEU B 67 16.77 11.29 6.63
CA LEU B 67 17.62 11.72 5.49
C LEU B 67 18.37 10.49 4.97
N VAL B 68 18.42 10.31 3.64
CA VAL B 68 19.00 9.06 3.07
C VAL B 68 19.77 9.33 1.77
N GLY B 69 20.61 8.37 1.32
CA GLY B 69 21.39 8.52 0.08
C GLY B 69 22.52 9.52 0.19
N PRO B 70 22.49 10.64 -0.56
CA PRO B 70 23.56 11.66 -0.52
C PRO B 70 23.81 12.24 0.88
N TYR B 71 22.75 12.37 1.69
CA TYR B 71 22.80 12.88 3.09
C TYR B 71 23.64 11.96 4.00
N ASP B 72 23.76 10.67 3.68
CA ASP B 72 24.58 9.72 4.49
C ASP B 72 26.02 10.21 4.54
N VAL B 73 26.56 10.69 3.41
CA VAL B 73 27.95 11.26 3.37
C VAL B 73 28.04 12.30 4.49
N LEU B 74 27.10 13.24 4.53
CA LEU B 74 27.04 14.26 5.62
C LEU B 74 26.92 13.56 6.98
N THR B 75 26.09 12.51 7.04
CA THR B 75 25.86 11.73 8.30
C THR B 75 27.14 10.99 8.70
N GLY B 76 27.93 10.56 7.71
CA GLY B 76 29.17 9.81 7.97
C GLY B 76 28.92 8.32 8.07
N LYS B 77 27.68 7.89 7.80
CA LYS B 77 27.32 6.45 7.86
C LYS B 77 28.16 5.68 6.85
N LEU B 78 28.35 6.22 5.64
CA LEU B 78 29.18 5.55 4.61
C LEU B 78 30.31 6.48 4.16
N ASP B 79 31.55 5.98 4.20
CA ASP B 79 32.73 6.76 3.74
C ASP B 79 33.75 5.77 3.15
N GLY B 80 34.59 6.25 2.23
CA GLY B 80 35.60 5.38 1.59
C GLY B 80 34.97 4.16 0.96
N TYR B 86 27.76 4.32 -5.91
CA TYR B 86 26.77 3.92 -4.88
C TYR B 86 25.36 4.28 -5.37
N HIS B 87 25.07 4.00 -6.64
CA HIS B 87 23.74 4.28 -7.25
C HIS B 87 22.67 3.45 -6.54
N LEU B 88 23.00 2.21 -6.19
CA LEU B 88 22.08 1.25 -5.51
C LEU B 88 21.74 1.69 -4.08
N HIS B 89 22.59 2.51 -3.44
CA HIS B 89 22.32 2.89 -2.03
C HIS B 89 20.98 3.63 -1.97
N TRP B 90 20.05 3.07 -1.19
CA TRP B 90 18.67 3.59 -0.98
C TRP B 90 17.93 3.79 -2.31
N ARG B 91 18.11 2.88 -3.27
CA ARG B 91 17.40 2.95 -4.56
C ARG B 91 16.27 1.93 -4.50
N TYR B 92 15.02 2.39 -4.51
CA TYR B 92 13.91 1.47 -4.36
C TYR B 92 13.54 0.82 -5.68
N TYR B 93 12.48 0.00 -5.63
CA TYR B 93 12.22 -0.94 -6.72
C TYR B 93 11.79 -0.24 -8.00
N TYR B 94 11.06 0.88 -7.91
CA TYR B 94 10.54 1.56 -9.08
C TYR B 94 11.25 2.87 -9.34
N ASP B 95 12.42 3.09 -8.76
CA ASP B 95 13.17 4.31 -8.96
C ASP B 95 13.87 4.26 -10.31
N PRO B 96 13.44 5.04 -11.29
CA PRO B 96 14.17 5.05 -12.56
C PRO B 96 15.50 5.76 -12.37
N PRO B 97 16.43 5.66 -13.33
CA PRO B 97 17.75 6.30 -13.13
C PRO B 97 17.68 7.79 -12.88
N GLU B 98 16.64 8.46 -13.36
CA GLU B 98 16.48 9.89 -13.14
C GLU B 98 16.22 10.24 -11.68
N PHE B 99 15.79 9.25 -10.88
CA PHE B 99 15.32 9.44 -9.52
C PHE B 99 16.42 9.01 -8.56
N MET B 100 16.79 9.89 -7.65
CA MET B 100 17.80 9.59 -6.62
C MET B 100 17.21 9.80 -5.24
N THR B 101 17.05 8.71 -4.50
CA THR B 101 16.43 8.80 -3.19
C THR B 101 17.27 9.63 -2.23
N VAL B 102 16.59 10.48 -1.48
CA VAL B 102 17.24 11.34 -0.50
C VAL B 102 16.57 11.30 0.86
N ILE B 103 15.32 10.87 0.97
CA ILE B 103 14.63 10.73 2.25
C ILE B 103 13.77 9.48 2.18
N ARG B 104 13.76 8.70 3.27
CA ARG B 104 13.01 7.45 3.33
C ARG B 104 11.96 7.55 4.42
N GLY B 105 10.87 6.81 4.20
CA GLY B 105 9.83 6.67 5.21
C GLY B 105 9.80 5.25 5.72
N ASN B 106 8.63 4.84 6.16
CA ASN B 106 8.47 3.55 6.82
C ASN B 106 8.52 2.42 5.81
N GLU B 107 8.99 1.26 6.27
CA GLU B 107 9.08 0.05 5.45
C GLU B 107 7.73 -0.46 4.97
N ASP B 108 6.62 0.05 5.51
CA ASP B 108 5.32 -0.54 5.22
C ASP B 108 4.95 -0.40 3.74
N GLN B 109 5.05 0.83 3.22
CA GLN B 109 4.57 1.20 1.90
C GLN B 109 5.71 1.46 0.92
N GLY B 110 6.95 1.44 1.38
CA GLY B 110 8.05 1.89 0.54
C GLY B 110 7.99 3.35 0.23
N PHE B 111 7.43 4.17 1.11
CA PHE B 111 7.44 5.61 0.89
C PHE B 111 8.87 6.14 0.92
N HIS B 112 9.21 6.95 -0.08
CA HIS B 112 10.52 7.59 -0.09
C HIS B 112 10.45 8.78 -1.04
N ILE B 113 11.42 9.69 -0.88
CA ILE B 113 11.44 10.95 -1.60
C ILE B 113 12.80 11.11 -2.25
N GLY B 114 12.82 11.58 -3.50
CA GLY B 114 14.08 11.83 -4.18
C GLY B 114 14.04 12.96 -5.19
N TYR B 115 15.24 13.40 -5.60
CA TYR B 115 15.40 14.34 -6.70
C TYR B 115 15.23 13.63 -8.04
N TYR B 116 14.47 14.26 -8.93
CA TYR B 116 14.27 13.72 -10.31
C TYR B 116 15.13 14.54 -11.27
N ARG B 117 16.08 13.88 -11.94
CA ARG B 117 17.01 14.58 -12.88
C ARG B 117 16.80 14.06 -14.30
N ASP B 118 16.35 14.93 -15.20
CA ASP B 118 16.16 14.54 -16.63
C ASP B 118 17.53 14.25 -17.25
N GLU B 119 18.53 15.07 -16.93
CA GLU B 119 19.91 14.92 -17.45
C GLU B 119 20.88 14.80 -16.29
N PRO B 120 21.82 13.82 -16.29
CA PRO B 120 22.74 13.64 -15.16
C PRO B 120 23.61 14.87 -14.89
N GLN B 121 24.12 15.51 -15.93
CA GLN B 121 24.98 16.73 -15.79
C GLN B 121 24.14 17.89 -15.20
N ALA B 122 22.88 18.00 -15.63
CA ALA B 122 21.97 19.07 -15.17
C ALA B 122 21.50 18.85 -13.73
N LEU B 123 21.06 19.93 -13.07
CA LEU B 123 20.52 19.90 -11.69
C LEU B 123 19.10 19.29 -11.71
N PRO B 124 18.57 18.78 -10.58
CA PRO B 124 17.24 18.17 -10.55
C PRO B 124 16.12 19.16 -10.93
N VAL B 125 15.21 18.73 -11.80
CA VAL B 125 14.04 19.55 -12.23
C VAL B 125 13.07 19.75 -11.07
N PHE B 126 12.85 18.70 -10.25
CA PHE B 126 11.93 18.80 -9.09
C PHE B 126 12.16 17.65 -8.12
N VAL B 127 11.45 17.69 -6.98
CA VAL B 127 11.53 16.63 -5.94
C VAL B 127 10.25 15.80 -6.04
N ALA B 128 10.37 14.48 -6.01
CA ALA B 128 9.16 13.62 -6.10
C ALA B 128 9.19 12.51 -5.06
N SER B 129 8.01 11.99 -4.73
CA SER B 129 7.86 10.86 -3.81
C SER B 129 7.26 9.67 -4.54
N ASN B 130 7.47 8.49 -3.94
CA ASN B 130 6.99 7.21 -4.42
C ASN B 130 6.63 6.33 -3.22
N LYS B 131 5.61 5.49 -3.39
CA LYS B 131 5.31 4.41 -2.45
C LYS B 131 5.68 3.09 -3.15
N ALA B 132 6.90 2.61 -2.91
CA ALA B 132 7.41 1.50 -3.72
C ALA B 132 6.65 0.18 -3.53
N LYS B 133 5.87 0.03 -2.46
CA LYS B 133 5.07 -1.18 -2.30
C LYS B 133 3.68 -1.06 -2.92
N VAL B 134 3.31 0.11 -3.42
CA VAL B 134 1.99 0.36 -3.99
C VAL B 134 2.03 0.43 -5.51
N SER B 135 2.91 1.28 -6.06
CA SER B 135 3.04 1.35 -7.51
C SER B 135 4.30 2.10 -7.90
N CYS B 136 4.56 2.11 -9.20
CA CYS B 136 5.64 2.90 -9.79
C CYS B 136 5.35 4.40 -9.77
N GLU B 137 4.13 4.82 -9.44
CA GLU B 137 3.74 6.19 -9.70
C GLU B 137 4.55 7.16 -8.88
N MET B 138 5.09 8.16 -9.58
CA MET B 138 5.82 9.27 -8.99
C MET B 138 4.86 10.42 -8.76
N SER B 139 5.01 11.10 -7.62
CA SER B 139 4.23 12.29 -7.33
C SER B 139 5.17 13.48 -7.19
N VAL B 140 4.98 14.50 -8.01
CA VAL B 140 5.82 15.70 -7.91
C VAL B 140 5.34 16.53 -6.72
N ILE B 141 6.19 16.73 -5.73
CA ILE B 141 5.80 17.41 -4.50
C ILE B 141 6.50 18.75 -4.29
N GLY B 142 7.39 19.14 -5.19
CA GLY B 142 8.00 20.45 -5.10
C GLY B 142 9.26 20.52 -5.94
N GLU B 143 9.78 21.75 -6.03
CA GLU B 143 11.03 21.97 -6.73
C GLU B 143 12.23 21.74 -5.83
N ASN B 144 12.05 21.91 -4.53
CA ASN B 144 13.13 21.84 -3.56
C ASN B 144 12.60 21.09 -2.34
N LEU B 145 13.52 20.56 -1.53
CA LEU B 145 13.12 19.73 -0.39
C LEU B 145 12.29 20.50 0.64
N PHE B 146 12.38 21.82 0.68
CA PHE B 146 11.54 22.60 1.57
C PHE B 146 10.08 22.54 1.15
N SER B 147 9.81 22.83 -0.14
CA SER B 147 8.46 22.66 -0.65
C SER B 147 8.01 21.20 -0.64
N ALA B 148 8.94 20.27 -0.91
CA ALA B 148 8.62 18.85 -0.84
C ALA B 148 8.14 18.46 0.55
N LEU B 149 8.86 18.91 1.58
CA LEU B 149 8.46 18.59 2.95
C LEU B 149 7.13 19.23 3.28
N ASN B 150 6.93 20.50 2.86
CA ASN B 150 5.69 21.20 3.13
C ASN B 150 4.50 20.47 2.53
N THR B 151 4.64 19.94 1.31
CA THR B 151 3.53 19.23 0.68
C THR B 151 3.16 17.98 1.48
N CYS B 152 4.17 17.28 2.00
CA CYS B 152 3.91 16.11 2.82
C CYS B 152 3.25 16.50 4.14
N ILE B 153 3.74 17.55 4.80
CA ILE B 153 3.13 18.01 6.04
C ILE B 153 1.68 18.39 5.82
N THR B 154 1.39 19.03 4.68
CA THR B 154 0.01 19.41 4.37
C THR B 154 -0.86 18.18 4.22
N GLU B 155 -0.32 17.14 3.61
CA GLU B 155 -1.11 15.92 3.46
C GLU B 155 -1.28 15.22 4.80
N ASN B 156 -0.25 15.26 5.65
CA ASN B 156 -0.32 14.52 6.91
C ASN B 156 -1.18 15.20 7.95
N LEU B 157 -1.31 16.53 7.89
CA LEU B 157 -2.22 17.24 8.78
C LEU B 157 -3.66 16.76 8.60
N LYS B 158 -4.00 16.27 7.41
CA LYS B 158 -5.33 15.76 7.11
C LYS B 158 -5.56 14.34 7.61
N LYS B 159 -4.51 13.60 7.97
CA LYS B 159 -4.67 12.24 8.45
C LYS B 159 -5.15 12.23 9.89
N ILE B 160 -6.15 11.38 10.18
CA ILE B 160 -6.66 11.28 11.55
C ILE B 160 -5.52 10.93 12.50
N LYS B 161 -5.44 11.64 13.62
CA LYS B 161 -4.39 11.42 14.61
C LYS B 161 -4.81 12.14 15.89
N ASP B 162 -4.04 11.91 16.94
CA ASP B 162 -4.33 12.56 18.22
C ASP B 162 -3.88 14.02 18.24
N LYS B 163 -4.54 14.81 19.09
CA LYS B 163 -4.29 16.25 19.13
C LYS B 163 -2.84 16.55 19.45
N SER B 164 -2.18 15.68 20.21
CA SER B 164 -0.79 15.94 20.57
C SER B 164 0.13 15.77 19.37
N GLN B 165 -0.14 14.80 18.50
CA GLN B 165 0.68 14.67 17.31
C GLN B 165 0.35 15.75 16.28
N GLN B 166 -0.91 16.15 16.18
CA GLN B 166 -1.26 17.24 15.30
C GLN B 166 -0.52 18.50 15.72
N SER B 167 -0.47 18.74 17.03
CA SER B 167 0.18 19.92 17.56
C SER B 167 1.69 19.89 17.29
N SER B 168 2.32 18.74 17.49
CA SER B 168 3.75 18.65 17.23
C SER B 168 4.07 18.75 15.74
N LEU B 169 3.12 18.36 14.89
CA LEU B 169 3.34 18.43 13.44
C LEU B 169 3.25 19.87 12.95
N LYS B 170 2.27 20.62 13.47
CA LYS B 170 2.16 22.04 13.18
C LYS B 170 3.35 22.84 13.69
N LYS B 171 4.06 22.36 14.70
CA LYS B 171 5.28 23.04 15.13
C LYS B 171 6.40 22.81 14.13
N MET B 172 6.50 21.58 13.62
CA MET B 172 7.42 21.28 12.53
C MET B 172 7.12 22.14 11.33
N GLN B 173 5.86 22.26 10.96
CA GLN B 173 5.49 23.07 9.82
C GLN B 173 5.96 24.50 9.99
N THR B 174 5.55 25.16 11.08
CA THR B 174 5.99 26.51 11.38
C THR B 174 7.51 26.64 11.25
N SER B 175 8.26 25.70 11.84
CA SER B 175 9.71 25.73 11.70
C SER B 175 10.12 25.68 10.24
N LEU B 176 9.46 24.83 9.46
CA LEU B 176 9.78 24.72 8.05
C LEU B 176 9.51 26.04 7.34
N ILE B 177 8.26 26.50 7.39
CA ILE B 177 7.85 27.70 6.67
C ILE B 177 8.75 28.87 7.04
N THR B 178 9.15 28.95 8.30
CA THR B 178 10.02 30.05 8.71
C THR B 178 11.39 29.96 8.05
N LYS B 179 11.96 28.76 8.00
CA LYS B 179 13.29 28.59 7.43
C LYS B 179 13.28 28.84 5.92
N ALA B 180 12.26 28.35 5.21
CA ALA B 180 12.19 28.60 3.77
C ALA B 180 12.00 30.09 3.47
N LYS B 181 11.17 30.78 4.26
CA LYS B 181 11.07 32.23 4.13
C LYS B 181 12.46 32.89 4.22
N GLU B 182 13.25 32.50 5.22
CA GLU B 182 14.58 33.07 5.42
C GLU B 182 15.50 32.82 4.23
N LEU B 183 15.52 31.57 3.75
CA LEU B 183 16.36 31.19 2.64
C LEU B 183 15.73 31.48 1.29
N GLN B 184 14.51 32.01 1.28
CA GLN B 184 13.77 32.36 0.06
C GLN B 184 13.65 31.17 -0.90
N TYR B 185 13.41 29.99 -0.36
CA TYR B 185 12.95 28.88 -1.17
C TYR B 185 11.44 28.95 -1.30
N SER B 186 10.94 28.76 -2.51
CA SER B 186 9.51 28.71 -2.71
C SER B 186 8.94 27.46 -2.05
N LEU B 187 7.79 27.61 -1.39
CA LEU B 187 7.12 26.47 -0.77
C LEU B 187 5.98 25.90 -1.61
N ALA B 188 5.81 26.40 -2.82
CA ALA B 188 4.73 25.95 -3.70
C ALA B 188 5.01 24.55 -4.22
N THR B 189 3.95 23.75 -4.38
CA THR B 189 4.12 22.41 -4.93
C THR B 189 4.56 22.46 -6.39
N THR B 190 3.98 23.36 -7.16
CA THR B 190 4.33 23.62 -8.55
C THR B 190 5.01 24.98 -8.65
N THR B 191 6.05 25.06 -9.47
CA THR B 191 6.70 26.33 -9.75
C THR B 191 6.66 26.60 -11.25
N PRO B 192 6.93 27.84 -11.68
CA PRO B 192 7.03 28.12 -13.13
C PRO B 192 8.07 27.27 -13.85
N ALA B 193 9.19 26.99 -13.20
CA ALA B 193 10.19 26.09 -13.78
C ALA B 193 9.62 24.70 -14.02
N ILE B 194 8.84 24.19 -13.07
CA ILE B 194 8.20 22.89 -13.24
C ILE B 194 7.20 22.95 -14.40
N LYS B 195 6.37 24.00 -14.44
CA LYS B 195 5.43 24.15 -15.55
C LYS B 195 6.16 24.23 -16.89
N ALA B 196 7.20 25.08 -16.98
CA ALA B 196 7.98 25.18 -18.22
C ALA B 196 8.53 23.83 -18.65
N ARG B 197 9.06 23.05 -17.70
CA ARG B 197 9.59 21.73 -18.04
C ARG B 197 8.48 20.80 -18.50
N ASN B 198 7.32 20.85 -17.81
CA ASN B 198 6.26 19.91 -18.20
C ASN B 198 5.76 20.26 -19.59
N LYS B 199 5.91 21.51 -20.01
CA LYS B 199 5.56 21.85 -21.39
C LYS B 199 6.45 21.12 -22.39
N LYS B 200 7.60 20.60 -21.96
CA LYS B 200 8.51 19.89 -22.85
C LYS B 200 8.51 18.39 -22.63
N VAL B 201 7.64 17.86 -21.76
CA VAL B 201 7.56 16.42 -21.57
C VAL B 201 7.08 15.77 -22.85
N ASN B 202 7.80 14.73 -23.29
CA ASN B 202 7.39 13.99 -24.52
C ASN B 202 6.25 13.04 -24.15
N SER B 203 6.41 12.33 -23.04
CA SER B 203 5.39 11.36 -22.54
C SER B 203 5.45 11.31 -21.01
N LYS B 204 4.29 11.32 -20.36
CA LYS B 204 4.22 11.27 -18.87
C LYS B 204 4.84 9.95 -18.38
N THR B 205 4.54 8.85 -19.09
CA THR B 205 4.99 7.44 -18.86
C THR B 205 4.15 6.80 -17.74
N LEU B 206 4.48 5.55 -17.40
CA LEU B 206 3.76 4.81 -16.33
C LEU B 206 3.94 5.51 -14.98
N HIS B 207 5.15 6.04 -14.71
CA HIS B 207 5.45 6.74 -13.43
C HIS B 207 4.81 8.15 -13.35
N LYS B 208 4.36 8.67 -14.49
CA LYS B 208 3.64 9.98 -14.64
C LYS B 208 4.55 11.18 -14.37
N ALA B 209 5.86 10.97 -14.15
CA ALA B 209 6.74 12.10 -13.91
C ALA B 209 7.35 12.68 -15.20
N GLY B 210 7.17 12.01 -16.33
CA GLY B 210 7.58 12.57 -17.61
C GLY B 210 9.00 12.27 -18.04
N ILE B 211 9.18 12.04 -19.32
CA ILE B 211 10.51 12.13 -19.93
C ILE B 211 10.62 13.44 -20.69
N VAL B 212 11.84 13.93 -20.82
CA VAL B 212 12.16 15.11 -21.62
C VAL B 212 13.38 14.74 -22.46
N VAL B 213 13.20 14.68 -23.79
CA VAL B 213 14.30 14.54 -24.74
C VAL B 213 14.17 15.63 -25.78
N PRO B 214 15.30 15.99 -26.45
CA PRO B 214 15.27 17.04 -27.47
C PRO B 214 14.40 16.66 -28.66
N VAL B 215 13.69 17.66 -29.17
CA VAL B 215 12.87 17.54 -30.37
C VAL B 215 13.15 18.78 -31.21
N ASN B 216 13.65 18.57 -32.43
CA ASN B 216 14.06 19.72 -33.24
C ASN B 216 12.84 20.27 -34.00
N ALA B 217 13.10 21.16 -34.94
CA ALA B 217 12.01 21.79 -35.69
C ALA B 217 11.20 20.77 -36.49
N MET B 218 11.86 19.74 -37.02
CA MET B 218 11.19 18.73 -37.82
C MET B 218 10.48 17.68 -36.98
N ASP B 219 10.38 17.89 -35.68
CA ASP B 219 9.78 16.93 -34.76
C ASP B 219 10.60 15.64 -34.68
N VAL B 220 11.90 15.71 -35.03
CA VAL B 220 12.83 14.61 -34.80
C VAL B 220 13.27 14.64 -33.35
N GLY B 221 13.42 13.44 -32.76
CA GLY B 221 13.92 13.28 -31.41
C GLY B 221 13.05 12.34 -30.59
N TYR B 222 11.78 12.25 -30.95
CA TYR B 222 10.80 11.45 -30.21
C TYR B 222 9.66 11.05 -31.15
N ARG B 223 9.14 9.84 -30.96
CA ARG B 223 7.84 9.47 -31.47
C ARG B 223 7.14 8.63 -30.42
N PRO B 224 5.83 8.75 -30.29
CA PRO B 224 5.12 8.06 -29.19
C PRO B 224 5.02 6.56 -29.42
N LEU B 225 4.64 5.85 -28.36
CA LEU B 225 4.22 4.47 -28.54
C LEU B 225 2.96 4.45 -29.40
N THR B 226 2.74 3.32 -30.08
CA THR B 226 1.57 3.15 -30.92
C THR B 226 0.41 2.50 -30.18
N VAL B 227 0.52 2.35 -28.86
CA VAL B 227 -0.61 1.98 -28.02
C VAL B 227 -0.71 2.99 -26.90
N THR B 228 -1.91 3.15 -26.36
CA THR B 228 -2.12 3.96 -25.17
C THR B 228 -1.47 3.30 -23.97
N ASP B 229 -1.30 4.09 -22.91
CA ASP B 229 -0.74 3.51 -21.70
C ASP B 229 -1.63 2.39 -21.16
N ALA B 230 -2.95 2.53 -21.30
CA ALA B 230 -3.88 1.53 -20.80
C ALA B 230 -3.75 0.24 -21.61
N GLU B 231 -3.63 0.37 -22.92
CA GLU B 231 -3.43 -0.78 -23.78
C GLU B 231 -2.11 -1.48 -23.46
N LEU B 232 -1.08 -0.70 -23.12
CA LEU B 232 0.21 -1.30 -22.81
C LEU B 232 0.16 -2.05 -21.50
N LYS B 233 -0.44 -1.45 -20.48
CA LYS B 233 -0.63 -2.15 -19.21
C LYS B 233 -1.38 -3.45 -19.44
N LYS B 234 -2.45 -3.40 -20.22
CA LYS B 234 -3.23 -4.62 -20.49
C LYS B 234 -2.37 -5.67 -21.19
N MET B 235 -1.61 -5.24 -22.19
CA MET B 235 -0.69 -6.13 -22.89
C MET B 235 0.33 -6.75 -21.93
N LEU B 236 0.94 -5.95 -21.07
CA LEU B 236 2.00 -6.49 -20.22
C LEU B 236 1.41 -7.41 -19.15
N LYS B 237 0.17 -7.12 -18.73
CA LYS B 237 -0.54 -7.99 -17.80
C LYS B 237 -0.78 -9.36 -18.43
N THR B 238 -1.26 -9.37 -19.68
CA THR B 238 -1.51 -10.63 -20.37
C THR B 238 -0.24 -11.46 -20.49
N ILE B 239 0.87 -10.84 -20.90
CA ILE B 239 2.11 -11.57 -21.08
C ILE B 239 2.56 -12.20 -19.76
N THR B 240 2.45 -11.46 -18.66
CA THR B 240 3.07 -11.91 -17.42
C THR B 240 2.12 -12.68 -16.51
N GLU B 241 0.81 -12.54 -16.71
CA GLU B 241 -0.19 -13.15 -15.82
C GLU B 241 -1.08 -14.18 -16.51
N SER B 242 -1.49 -13.94 -17.76
CA SER B 242 -2.46 -14.82 -18.39
C SER B 242 -1.89 -16.22 -18.55
N GLU B 243 -2.74 -17.22 -18.29
CA GLU B 243 -2.44 -18.61 -18.58
C GLU B 243 -3.15 -19.08 -19.85
N ASN B 244 -3.81 -18.17 -20.55
CA ASN B 244 -4.35 -18.42 -21.88
C ASN B 244 -3.23 -18.29 -22.93
N LYS B 245 -2.95 -19.40 -23.63
CA LYS B 245 -1.81 -19.43 -24.56
C LYS B 245 -2.01 -18.47 -25.72
N SER B 246 -3.21 -18.45 -26.30
CA SER B 246 -3.45 -17.63 -27.49
C SER B 246 -3.35 -16.15 -27.16
N ALA B 247 -4.00 -15.72 -26.07
CA ALA B 247 -3.88 -14.34 -25.62
C ALA B 247 -2.41 -13.99 -25.33
N LYS B 248 -1.68 -14.89 -24.69
CA LYS B 248 -0.30 -14.62 -24.34
C LYS B 248 0.55 -14.43 -25.60
N ASP B 249 0.30 -15.25 -26.62
CA ASP B 249 1.05 -15.13 -27.86
C ASP B 249 0.66 -13.86 -28.62
N LYS B 250 -0.64 -13.52 -28.64
CA LYS B 250 -1.05 -12.25 -29.22
C LYS B 250 -0.31 -11.09 -28.57
N ALA B 251 -0.43 -10.95 -27.25
CA ALA B 251 0.20 -9.84 -26.53
C ALA B 251 1.71 -9.83 -26.71
N SER B 252 2.33 -11.01 -26.82
CA SER B 252 3.78 -11.03 -26.94
C SER B 252 4.23 -10.57 -28.33
N ASP B 253 3.49 -10.96 -29.38
CA ASP B 253 3.72 -10.41 -30.72
C ASP B 253 3.56 -8.89 -30.72
N GLU B 254 2.53 -8.40 -30.02
CA GLU B 254 2.30 -6.97 -29.96
C GLU B 254 3.48 -6.25 -29.34
N LEU B 255 4.07 -6.83 -28.28
CA LEU B 255 5.24 -6.21 -27.65
C LEU B 255 6.44 -6.24 -28.57
N GLN B 256 6.68 -7.38 -29.24
CA GLN B 256 7.82 -7.52 -30.12
C GLN B 256 7.76 -6.54 -31.27
N GLU B 257 6.56 -6.22 -31.72
CA GLU B 257 6.42 -5.25 -32.77
C GLU B 257 6.70 -3.83 -32.28
N LEU B 258 6.32 -3.51 -31.04
CA LEU B 258 6.78 -2.25 -30.46
C LEU B 258 8.30 -2.17 -30.42
N LEU B 259 8.93 -3.27 -29.99
CA LEU B 259 10.38 -3.33 -30.01
C LEU B 259 10.92 -3.15 -31.41
N THR B 260 10.18 -3.62 -32.41
CA THR B 260 10.57 -3.40 -33.80
C THR B 260 10.53 -1.92 -34.15
N PHE B 261 9.44 -1.24 -33.77
CA PHE B 261 9.27 0.17 -34.09
C PHE B 261 10.36 1.03 -33.46
N VAL B 262 10.76 0.69 -32.23
CA VAL B 262 11.83 1.44 -31.57
C VAL B 262 13.13 1.34 -32.38
N GLN B 263 13.41 0.16 -32.93
CA GLN B 263 14.56 -0.02 -33.80
C GLN B 263 14.53 0.95 -34.97
N PHE B 264 13.38 1.01 -35.66
CA PHE B 264 13.22 2.02 -36.70
C PHE B 264 13.30 3.43 -36.13
N ALA B 265 12.75 3.65 -34.94
CA ALA B 265 12.80 5.00 -34.39
C ALA B 265 14.25 5.42 -34.14
N ASN B 266 15.06 4.51 -33.58
CA ASN B 266 16.46 4.82 -33.35
C ASN B 266 17.16 5.13 -34.66
N ASP B 267 16.96 4.28 -35.67
CA ASP B 267 17.62 4.48 -36.95
C ASP B 267 17.32 5.85 -37.51
N GLU B 268 16.20 6.45 -37.14
CA GLU B 268 15.77 7.71 -37.72
C GLU B 268 15.91 8.87 -36.76
N GLY B 269 16.60 8.70 -35.64
CA GLY B 269 16.88 9.79 -34.72
C GLY B 269 15.88 10.01 -33.60
N ASP B 270 14.77 9.25 -33.54
CA ASP B 270 13.76 9.47 -32.50
C ASP B 270 14.03 8.59 -31.29
N TYR B 271 15.10 8.94 -30.57
CA TYR B 271 15.60 8.10 -29.49
C TYR B 271 14.63 8.02 -28.31
N GLY B 272 13.66 8.95 -28.21
CA GLY B 272 12.82 9.02 -27.03
C GLY B 272 11.81 7.91 -26.94
N MET B 273 11.42 7.32 -28.08
CA MET B 273 10.49 6.21 -28.07
C MET B 273 11.01 5.05 -27.25
N GLY B 274 12.28 4.72 -27.45
CA GLY B 274 12.89 3.61 -26.74
C GLY B 274 13.10 3.91 -25.27
N LEU B 275 13.40 5.16 -24.94
CA LEU B 275 13.41 5.58 -23.55
C LEU B 275 12.04 5.34 -22.90
N GLU B 276 10.97 5.78 -23.57
CA GLU B 276 9.64 5.63 -23.03
C GLU B 276 9.28 4.16 -22.87
N LEU B 277 9.44 3.37 -23.94
CA LEU B 277 9.09 1.96 -23.85
C LEU B 277 9.90 1.27 -22.77
N GLY B 278 11.19 1.61 -22.66
CA GLY B 278 12.03 1.01 -21.62
C GLY B 278 11.58 1.36 -20.22
N LEU B 279 11.29 2.65 -19.97
CA LEU B 279 10.82 3.05 -18.66
C LEU B 279 9.48 2.40 -18.31
N ASP B 280 8.56 2.32 -19.28
CA ASP B 280 7.26 1.70 -19.00
C ASP B 280 7.42 0.23 -18.59
N LEU B 281 8.20 -0.54 -19.34
CA LEU B 281 8.45 -1.92 -18.94
C LEU B 281 9.08 -1.97 -17.55
N PHE B 282 10.05 -1.07 -17.30
CA PHE B 282 10.64 -0.96 -15.98
C PHE B 282 9.57 -0.70 -14.93
N CYS B 283 8.66 0.23 -15.23
CA CYS B 283 7.65 0.66 -14.27
C CYS B 283 6.62 -0.42 -14.04
N PHE B 284 6.31 -1.22 -15.06
CA PHE B 284 5.38 -2.32 -14.89
C PHE B 284 5.88 -3.29 -13.81
N GLY B 285 7.18 -3.45 -13.66
CA GLY B 285 7.76 -4.07 -12.49
C GLY B 285 8.14 -5.52 -12.64
N SER B 286 7.57 -6.22 -13.63
CA SER B 286 7.86 -7.63 -13.83
C SER B 286 9.32 -7.88 -14.19
N LYS B 287 9.97 -8.77 -13.42
CA LYS B 287 11.37 -9.12 -13.70
C LYS B 287 11.49 -9.94 -14.98
N GLN B 288 10.40 -10.50 -15.45
CA GLN B 288 10.33 -11.11 -16.77
C GLN B 288 10.80 -10.17 -17.89
N PHE B 289 10.73 -8.85 -17.70
CA PHE B 289 11.11 -7.92 -18.76
C PHE B 289 12.52 -7.38 -18.66
N HIS B 290 13.31 -7.78 -17.65
CA HIS B 290 14.60 -7.13 -17.42
C HIS B 290 15.51 -7.23 -18.64
N ASN B 291 15.55 -8.38 -19.30
CA ASN B 291 16.38 -8.53 -20.49
C ASN B 291 16.02 -7.50 -21.55
N THR B 292 14.73 -7.41 -21.87
CA THR B 292 14.24 -6.42 -22.82
C THR B 292 14.61 -5.00 -22.39
N ILE B 293 14.47 -4.69 -21.11
CA ILE B 293 14.80 -3.34 -20.65
C ILE B 293 16.27 -3.05 -20.88
N LEU B 294 17.13 -4.05 -20.67
CA LEU B 294 18.56 -3.84 -20.87
C LEU B 294 18.91 -3.74 -22.34
N GLN B 295 17.97 -4.04 -23.23
CA GLN B 295 18.15 -3.81 -24.66
C GLN B 295 17.58 -2.47 -25.11
N LEU B 296 16.85 -1.75 -24.25
CA LEU B 296 16.22 -0.48 -24.57
C LEU B 296 16.94 0.70 -23.94
N LEU B 297 17.08 0.70 -22.62
CA LEU B 297 17.48 1.92 -21.92
C LEU B 297 18.98 2.21 -22.00
N PRO B 298 19.88 1.23 -21.75
CA PRO B 298 21.31 1.52 -21.94
C PRO B 298 21.59 2.15 -23.29
N LEU B 299 21.00 1.60 -24.35
CA LEU B 299 21.13 2.19 -25.68
C LEU B 299 20.49 3.59 -25.71
N ALA B 300 19.26 3.72 -25.19
CA ALA B 300 18.55 5.00 -25.24
C ALA B 300 19.33 6.11 -24.56
N TYR B 301 19.82 5.86 -23.36
CA TYR B 301 20.59 6.87 -22.65
C TYR B 301 21.93 7.18 -23.33
N GLN B 302 22.50 6.21 -24.07
CA GLN B 302 23.71 6.49 -24.87
C GLN B 302 23.39 7.44 -26.02
N LEU B 303 22.41 7.07 -26.85
CA LEU B 303 21.98 7.92 -27.96
C LEU B 303 21.61 9.32 -27.50
N LEU B 304 21.10 9.46 -26.28
CA LEU B 304 20.70 10.75 -25.75
C LEU B 304 21.84 11.48 -25.08
N GLY B 305 22.99 10.83 -24.89
CA GLY B 305 24.08 11.49 -24.22
C GLY B 305 23.85 11.55 -22.73
N ARG B 306 23.27 10.50 -22.16
CA ARG B 306 22.90 10.42 -20.75
C ARG B 306 23.56 9.16 -20.21
N GLU B 307 24.84 9.03 -20.54
CA GLU B 307 25.63 7.82 -20.31
C GLU B 307 25.49 7.30 -18.89
N LYS B 308 25.54 8.19 -17.90
CA LYS B 308 25.50 7.78 -16.49
C LYS B 308 24.23 6.98 -16.17
N TYR B 309 23.12 7.27 -16.84
CA TYR B 309 21.90 6.53 -16.59
C TYR B 309 21.92 5.16 -17.22
N ALA B 310 22.68 4.98 -18.30
CA ALA B 310 22.89 3.63 -18.81
C ALA B 310 23.54 2.75 -17.76
N LYS B 311 24.51 3.29 -17.03
CA LYS B 311 25.17 2.51 -15.99
C LYS B 311 24.21 2.24 -14.82
N ILE B 312 23.40 3.25 -14.46
CA ILE B 312 22.51 3.12 -13.30
C ILE B 312 21.49 2.01 -13.52
N ILE B 313 20.84 1.99 -14.69
CA ILE B 313 19.81 0.98 -14.95
C ILE B 313 20.42 -0.42 -14.99
N GLN B 314 21.65 -0.55 -15.52
CA GLN B 314 22.32 -1.85 -15.57
C GLN B 314 22.61 -2.38 -14.18
N GLU B 315 23.21 -1.55 -13.33
CA GLU B 315 23.50 -1.94 -11.95
C GLU B 315 22.23 -2.19 -11.14
N HIS B 316 21.16 -1.45 -11.43
CA HIS B 316 19.93 -1.61 -10.67
C HIS B 316 19.25 -2.94 -10.97
N LEU B 317 19.12 -3.25 -12.25
CA LEU B 317 18.46 -4.49 -12.68
C LEU B 317 19.25 -5.73 -12.28
N GLU B 318 20.56 -5.59 -12.03
CA GLU B 318 21.35 -6.74 -11.66
C GLU B 318 20.91 -7.33 -10.33
N ASN B 319 20.39 -6.51 -9.42
CA ASN B 319 19.74 -7.03 -8.22
C ASN B 319 18.28 -6.64 -8.12
N ARG B 320 18.00 -5.34 -8.05
CA ARG B 320 16.67 -4.74 -7.97
C ARG B 320 15.91 -5.18 -6.71
N ASP B 321 16.48 -6.07 -5.90
CA ASP B 321 15.82 -6.48 -4.65
C ASP B 321 16.71 -7.32 -3.73
#